data_5OVA
#
_entry.id   5OVA
#
_cell.length_a   45.080
_cell.length_b   48.530
_cell.length_c   78.500
_cell.angle_alpha   90.00
_cell.angle_beta   90.00
_cell.angle_gamma   90.00
#
_symmetry.space_group_name_H-M   'P 21 21 21'
#
loop_
_entity.id
_entity.type
_entity.pdbx_description
1 polymer 'SH3 and multiple ankyrin repeat domains protein 3'
2 water water
#
_entity_poly.entity_id   1
_entity_poly.type   'polypeptide(L)'
_entity_poly.pdbx_seq_one_letter_code
;SVAILQKRDHEGFGFVLRGAKAETPIEEFTPTPAFPALQYLESVDVEGVAWKAGLRTGDFLIEVNGVNVVKVGHKQVVGL
IRQGGNRLVMKVVSVT
;
_entity_poly.pdbx_strand_id   A,B
#
# COMPACT_ATOMS: atom_id res chain seq x y z
N SER A 1 12.09 19.02 -4.52
CA SER A 1 12.23 19.14 -3.08
C SER A 1 12.69 17.82 -2.46
N VAL A 2 12.61 17.73 -1.13
CA VAL A 2 13.05 16.54 -0.41
C VAL A 2 12.13 16.34 0.78
N ALA A 3 11.73 15.09 1.01
CA ALA A 3 10.84 14.76 2.12
C ALA A 3 11.49 13.67 2.97
N ILE A 4 11.17 13.71 4.27
CA ILE A 4 11.72 12.77 5.25
C ILE A 4 10.55 12.16 6.02
N LEU A 5 10.47 10.83 6.01
CA LEU A 5 9.34 10.11 6.58
C LEU A 5 9.81 9.14 7.65
N GLN A 6 9.07 9.12 8.76
CA GLN A 6 9.32 8.18 9.86
C GLN A 6 7.97 7.63 10.30
N LYS A 7 7.88 6.30 10.38
CA LYS A 7 6.60 5.65 10.64
C LYS A 7 6.79 4.51 11.63
N ARG A 8 5.66 4.05 12.19
CA ARG A 8 5.65 2.87 13.04
C ARG A 8 5.72 1.60 12.18
N ASP A 9 6.10 0.50 12.83
CA ASP A 9 6.35 -0.73 12.09
C ASP A 9 5.10 -1.23 11.39
N HIS A 10 3.93 -0.95 11.96
CA HIS A 10 2.68 -1.56 11.50
C HIS A 10 1.76 -0.54 10.82
N GLU A 11 2.31 0.57 10.33
CA GLU A 11 1.60 1.45 9.41
C GLU A 11 2.41 1.55 8.13
N GLY A 12 1.84 2.20 7.12
CA GLY A 12 2.55 2.53 5.91
C GLY A 12 2.83 4.02 5.82
N PHE A 13 3.49 4.39 4.73
CA PHE A 13 3.82 5.78 4.49
C PHE A 13 2.63 6.59 3.95
N GLY A 14 1.54 5.93 3.57
CA GLY A 14 0.35 6.65 3.16
C GLY A 14 0.48 7.28 1.79
N PHE A 15 0.98 6.53 0.81
CA PHE A 15 1.04 6.99 -0.57
C PHE A 15 1.04 5.78 -1.49
N VAL A 16 0.67 6.01 -2.75
CA VAL A 16 0.62 4.96 -3.76
C VAL A 16 1.50 5.37 -4.94
N LEU A 17 2.28 4.43 -5.45
CA LEU A 17 3.24 4.67 -6.52
C LEU A 17 2.72 4.12 -7.85
N ARG A 18 3.08 4.79 -8.93
CA ARG A 18 2.71 4.34 -10.27
C ARG A 18 3.80 4.68 -11.26
N GLY A 19 3.91 3.86 -12.30
CA GLY A 19 4.88 4.09 -13.35
C GLY A 19 4.94 2.90 -14.28
N ALA A 20 5.70 3.08 -15.35
CA ALA A 20 5.91 2.01 -16.33
C ALA A 20 7.20 1.24 -16.02
N PRO A 25 10.90 -1.65 -22.20
CA PRO A 25 10.62 -0.37 -22.86
C PRO A 25 11.15 0.82 -22.07
N ILE A 26 11.75 0.55 -20.91
CA ILE A 26 12.24 1.61 -20.04
C ILE A 26 13.74 1.74 -20.29
N GLU A 27 14.08 2.04 -21.55
CA GLU A 27 15.46 2.14 -22.02
C GLU A 27 15.67 3.28 -22.99
N GLU A 28 14.62 3.72 -23.69
CA GLU A 28 14.67 4.85 -24.61
C GLU A 28 13.81 5.98 -24.06
N PHE A 29 13.26 5.81 -22.86
CA PHE A 29 12.45 6.83 -22.21
C PHE A 29 13.21 8.14 -22.20
N THR A 30 12.50 9.24 -22.06
CA THR A 30 13.14 10.54 -22.13
C THR A 30 12.46 11.51 -21.18
N PRO A 31 13.18 12.05 -20.20
CA PRO A 31 12.57 13.03 -19.30
C PRO A 31 12.23 14.32 -20.01
N THR A 32 11.09 14.89 -19.66
CA THR A 32 10.66 16.20 -20.12
C THR A 32 10.26 17.03 -18.91
N PRO A 33 10.06 18.34 -19.10
CA PRO A 33 9.61 19.18 -17.99
C PRO A 33 8.14 18.98 -17.64
N ALA A 34 7.46 18.08 -18.33
CA ALA A 34 6.09 17.67 -18.03
C ALA A 34 6.03 16.27 -17.45
N PHE A 35 6.87 15.36 -17.95
CA PHE A 35 6.98 14.00 -17.44
C PHE A 35 8.46 13.78 -17.11
N PRO A 36 8.91 14.24 -15.93
CA PRO A 36 10.36 14.19 -15.65
C PRO A 36 10.87 12.80 -15.31
N ALA A 37 10.12 12.01 -14.56
CA ALA A 37 10.59 10.71 -14.10
C ALA A 37 9.57 9.64 -14.44
N LEU A 38 10.00 8.38 -14.34
CA LEU A 38 9.14 7.26 -14.65
C LEU A 38 8.10 7.03 -13.56
N GLN A 39 8.42 7.38 -12.33
CA GLN A 39 7.56 7.11 -11.18
C GLN A 39 7.04 8.41 -10.59
N TYR A 40 5.75 8.40 -10.22
CA TYR A 40 5.10 9.55 -9.61
C TYR A 40 4.15 9.06 -8.54
N LEU A 41 3.72 9.97 -7.66
CA LEU A 41 2.80 9.61 -6.60
C LEU A 41 1.37 9.71 -7.12
N GLU A 42 0.64 8.61 -7.01
CA GLU A 42 -0.73 8.59 -7.51
C GLU A 42 -1.71 9.18 -6.51
N SER A 43 -1.52 8.87 -5.22
CA SER A 43 -2.37 9.42 -4.18
C SER A 43 -1.58 9.55 -2.88
N VAL A 44 -1.90 10.56 -2.10
CA VAL A 44 -1.26 10.81 -0.81
C VAL A 44 -2.39 10.97 0.21
N ASP A 45 -2.54 9.99 1.09
CA ASP A 45 -3.53 10.10 2.14
C ASP A 45 -3.37 11.44 2.84
N VAL A 46 -4.48 12.12 3.08
CA VAL A 46 -4.42 13.46 3.66
C VAL A 46 -4.19 13.34 5.16
N GLU A 47 -3.32 14.19 5.70
CA GLU A 47 -2.92 14.12 7.10
C GLU A 47 -2.23 12.79 7.42
N GLY A 48 -1.67 12.13 6.41
CA GLY A 48 -0.92 10.91 6.60
C GLY A 48 0.56 11.20 6.71
N VAL A 49 1.32 10.14 6.96
CA VAL A 49 2.77 10.28 7.18
C VAL A 49 3.39 11.07 6.03
N ALA A 50 3.22 10.58 4.80
CA ALA A 50 3.80 11.26 3.65
C ALA A 50 3.27 12.67 3.49
N TRP A 51 1.97 12.87 3.74
CA TRP A 51 1.38 14.19 3.62
C TRP A 51 2.07 15.18 4.55
N LYS A 52 2.05 14.88 5.86
CA LYS A 52 2.65 15.75 6.86
C LYS A 52 4.09 16.10 6.55
N ALA A 53 4.78 15.28 5.75
CA ALA A 53 6.12 15.61 5.28
C ALA A 53 6.10 16.46 4.01
N GLY A 54 4.91 16.95 3.61
CA GLY A 54 4.81 17.81 2.44
C GLY A 54 4.86 17.09 1.11
N LEU A 55 4.44 15.82 1.06
CA LEU A 55 4.34 15.10 -0.20
C LEU A 55 2.91 15.19 -0.72
N ARG A 56 2.78 15.33 -2.03
CA ARG A 56 1.48 15.60 -2.64
C ARG A 56 1.31 14.74 -3.89
N THR A 57 0.05 14.48 -4.22
CA THR A 57 -0.26 13.79 -5.46
C THR A 57 0.29 14.59 -6.64
N GLY A 58 0.91 13.87 -7.57
CA GLY A 58 1.55 14.50 -8.71
C GLY A 58 3.05 14.64 -8.59
N ASP A 59 3.61 14.48 -7.39
CA ASP A 59 5.06 14.55 -7.23
C ASP A 59 5.72 13.40 -7.99
N PHE A 60 6.71 13.72 -8.80
CA PHE A 60 7.50 12.73 -9.52
C PHE A 60 8.73 12.38 -8.69
N LEU A 61 9.26 11.18 -8.90
CA LEU A 61 10.34 10.65 -8.07
C LEU A 61 11.67 10.77 -8.81
N ILE A 62 12.59 11.52 -8.22
CA ILE A 62 13.94 11.69 -8.77
C ILE A 62 14.92 10.79 -8.04
N GLU A 63 14.83 10.76 -6.71
CA GLU A 63 15.77 10.04 -5.88
C GLU A 63 15.01 9.35 -4.76
N VAL A 64 15.51 8.20 -4.34
CA VAL A 64 14.94 7.42 -3.26
C VAL A 64 16.08 6.88 -2.42
N ASN A 65 16.20 7.36 -1.18
CA ASN A 65 17.23 6.92 -0.26
C ASN A 65 18.62 7.02 -0.89
N GLY A 66 18.83 8.03 -1.73
CA GLY A 66 20.10 8.32 -2.33
C GLY A 66 20.29 7.81 -3.74
N VAL A 67 19.45 6.89 -4.21
CA VAL A 67 19.58 6.34 -5.55
C VAL A 67 18.73 7.16 -6.51
N ASN A 68 19.24 7.37 -7.72
CA ASN A 68 18.49 8.08 -8.76
C ASN A 68 17.57 7.10 -9.48
N VAL A 69 16.30 7.48 -9.65
CA VAL A 69 15.31 6.55 -10.17
C VAL A 69 14.56 7.11 -11.38
N VAL A 70 15.12 8.13 -12.04
CA VAL A 70 14.44 8.74 -13.18
C VAL A 70 14.19 7.73 -14.29
N LYS A 71 15.07 6.74 -14.44
CA LYS A 71 14.93 5.74 -15.51
C LYS A 71 15.05 4.36 -14.90
N VAL A 72 14.51 4.19 -13.70
CA VAL A 72 14.57 2.94 -12.96
C VAL A 72 13.16 2.37 -12.89
N GLY A 73 13.05 1.06 -13.04
CA GLY A 73 11.76 0.42 -13.11
C GLY A 73 10.93 0.63 -11.87
N HIS A 74 9.75 0.03 -11.84
CA HIS A 74 8.83 0.18 -10.71
C HIS A 74 9.19 -0.77 -9.59
N LYS A 75 9.43 -2.04 -9.93
CA LYS A 75 9.75 -3.03 -8.90
C LYS A 75 11.01 -2.64 -8.16
N GLN A 76 11.90 -1.88 -8.79
CA GLN A 76 13.18 -1.53 -8.19
C GLN A 76 13.02 -0.38 -7.19
N VAL A 77 12.17 0.59 -7.52
CA VAL A 77 11.92 1.70 -6.61
C VAL A 77 11.17 1.22 -5.38
N VAL A 78 10.17 0.37 -5.58
CA VAL A 78 9.43 -0.18 -4.44
C VAL A 78 10.37 -1.00 -3.56
N GLY A 79 11.40 -1.60 -4.16
CA GLY A 79 12.38 -2.32 -3.37
C GLY A 79 13.22 -1.39 -2.51
N LEU A 80 13.56 -0.21 -3.05
CA LEU A 80 14.32 0.77 -2.26
C LEU A 80 13.52 1.25 -1.06
N ILE A 81 12.23 1.56 -1.26
CA ILE A 81 11.40 2.00 -0.15
C ILE A 81 11.33 0.91 0.91
N ARG A 82 11.23 -0.34 0.47
CA ARG A 82 11.14 -1.45 1.42
C ARG A 82 12.42 -1.61 2.23
N GLN A 83 13.58 -1.51 1.57
CA GLN A 83 14.85 -1.67 2.27
C GLN A 83 15.02 -0.65 3.39
N GLY A 84 14.47 0.56 3.20
CA GLY A 84 14.62 1.60 4.21
C GLY A 84 13.84 1.33 5.47
N GLY A 85 12.90 0.38 5.43
CA GLY A 85 12.11 0.05 6.60
C GLY A 85 11.15 1.14 6.99
N ASN A 86 11.37 1.75 8.15
CA ASN A 86 10.50 2.80 8.66
C ASN A 86 11.05 4.20 8.37
N ARG A 87 12.09 4.31 7.56
CA ARG A 87 12.70 5.59 7.22
C ARG A 87 12.76 5.69 5.71
N LEU A 88 12.47 6.88 5.19
CA LEU A 88 12.43 7.08 3.75
C LEU A 88 12.75 8.54 3.44
N VAL A 89 13.60 8.72 2.42
CA VAL A 89 14.03 10.04 1.98
C VAL A 89 13.91 10.07 0.47
N MET A 90 13.15 11.03 -0.06
CA MET A 90 12.89 11.10 -1.48
C MET A 90 13.09 12.52 -2.00
N LYS A 91 13.52 12.60 -3.25
CA LYS A 91 13.68 13.86 -3.97
C LYS A 91 12.62 13.89 -5.05
N VAL A 92 11.72 14.87 -4.99
CA VAL A 92 10.59 14.91 -5.91
C VAL A 92 10.46 16.30 -6.53
N VAL A 93 9.90 16.33 -7.73
CA VAL A 93 9.52 17.56 -8.40
C VAL A 93 8.01 17.53 -8.64
N SER A 94 7.36 18.67 -8.41
CA SER A 94 5.91 18.81 -8.54
C SER A 94 5.60 19.48 -9.87
N VAL A 95 5.18 18.68 -10.86
CA VAL A 95 4.84 19.21 -12.18
C VAL A 95 3.74 20.26 -12.11
N THR A 96 3.02 20.36 -11.00
CA THR A 96 1.99 21.37 -10.84
C THR A 96 2.51 22.75 -11.25
N SER B 1 -15.87 -9.04 12.97
CA SER B 1 -16.72 -7.92 12.55
C SER B 1 -16.81 -7.86 11.02
N VAL B 2 -17.31 -6.74 10.50
CA VAL B 2 -17.51 -6.56 9.07
C VAL B 2 -17.20 -5.11 8.73
N ALA B 3 -16.44 -4.91 7.66
CA ALA B 3 -16.08 -3.58 7.17
C ALA B 3 -16.42 -3.50 5.70
N ILE B 4 -16.76 -2.29 5.26
CA ILE B 4 -17.09 -2.01 3.87
C ILE B 4 -16.21 -0.85 3.44
N LEU B 5 -15.45 -1.05 2.37
CA LEU B 5 -14.46 -0.07 1.93
C LEU B 5 -14.79 0.40 0.53
N GLN B 6 -14.71 1.71 0.34
CA GLN B 6 -14.92 2.35 -0.95
C GLN B 6 -13.84 3.39 -1.11
N LYS B 7 -13.16 3.38 -2.25
CA LYS B 7 -12.01 4.24 -2.45
C LYS B 7 -12.09 4.90 -3.83
N ARG B 8 -11.28 5.94 -4.00
CA ARG B 8 -11.17 6.58 -5.30
C ARG B 8 -10.30 5.74 -6.23
N ASP B 9 -10.38 6.05 -7.52
CA ASP B 9 -9.81 5.18 -8.54
C ASP B 9 -8.30 5.01 -8.38
N HIS B 10 -7.58 6.04 -7.94
CA HIS B 10 -6.12 6.02 -7.88
C HIS B 10 -5.57 6.04 -6.46
N GLU B 11 -6.33 5.54 -5.51
CA GLU B 11 -5.80 5.20 -4.20
C GLU B 11 -5.93 3.71 -3.98
N GLY B 12 -5.31 3.24 -2.89
CA GLY B 12 -5.44 1.87 -2.46
C GLY B 12 -6.33 1.79 -1.23
N PHE B 13 -6.55 0.55 -0.79
CA PHE B 13 -7.33 0.36 0.40
C PHE B 13 -6.54 0.67 1.67
N GLY B 14 -5.23 0.86 1.55
CA GLY B 14 -4.42 1.29 2.68
C GLY B 14 -4.18 0.20 3.70
N PHE B 15 -3.85 -0.99 3.23
CA PHE B 15 -3.45 -2.08 4.12
C PHE B 15 -2.58 -3.04 3.35
N VAL B 16 -1.78 -3.81 4.10
CA VAL B 16 -0.90 -4.82 3.52
C VAL B 16 -1.22 -6.18 4.13
N LEU B 17 -1.27 -7.18 3.25
CA LEU B 17 -1.70 -8.53 3.61
C LEU B 17 -0.48 -9.44 3.73
N ARG B 18 -0.59 -10.41 4.63
CA ARG B 18 0.49 -11.36 4.86
C ARG B 18 -0.09 -12.74 5.16
N GLY B 19 0.69 -13.77 4.85
CA GLY B 19 0.29 -15.14 5.11
C GLY B 19 1.26 -16.14 4.50
N PRO B 25 2.00 -27.14 1.58
CA PRO B 25 2.10 -27.09 3.04
C PRO B 25 1.08 -26.13 3.67
N ILE B 26 0.33 -25.42 2.84
CA ILE B 26 -0.62 -24.40 3.28
C ILE B 26 -2.06 -24.90 3.21
N GLU B 27 -2.36 -26.02 3.88
CA GLU B 27 -3.70 -26.59 3.80
C GLU B 27 -4.17 -27.24 5.11
N GLU B 28 -3.36 -27.29 6.16
CA GLU B 28 -3.70 -27.99 7.39
C GLU B 28 -4.00 -27.05 8.56
N PHE B 29 -4.00 -25.75 8.34
CA PHE B 29 -4.25 -24.78 9.39
C PHE B 29 -5.60 -25.04 10.07
N THR B 30 -5.76 -24.47 11.28
CA THR B 30 -6.94 -24.69 12.12
C THR B 30 -7.32 -23.41 12.87
N PRO B 31 -8.54 -22.89 12.71
CA PRO B 31 -8.91 -21.66 13.42
C PRO B 31 -8.99 -21.87 14.92
N THR B 32 -8.41 -20.94 15.67
CA THR B 32 -8.53 -20.82 17.11
C THR B 32 -8.80 -19.37 17.43
N PRO B 33 -9.12 -19.05 18.69
CA PRO B 33 -9.40 -17.64 19.03
C PRO B 33 -8.17 -16.75 19.08
N ALA B 34 -6.99 -17.28 18.80
CA ALA B 34 -5.77 -16.47 18.70
C ALA B 34 -5.22 -16.38 17.28
N PHE B 35 -5.21 -17.49 16.55
CA PHE B 35 -4.75 -17.54 15.17
C PHE B 35 -5.85 -18.21 14.34
N PRO B 36 -6.89 -17.45 13.96
CA PRO B 36 -8.06 -18.03 13.28
C PRO B 36 -7.95 -18.31 11.78
N ALA B 37 -7.29 -17.43 11.02
CA ALA B 37 -7.25 -17.55 9.56
C ALA B 37 -5.82 -17.42 9.05
N LEU B 38 -5.63 -17.75 7.77
CA LEU B 38 -4.29 -17.70 7.17
C LEU B 38 -3.82 -16.27 6.91
N GLN B 39 -4.74 -15.37 6.61
CA GLN B 39 -4.37 -14.02 6.19
C GLN B 39 -4.80 -13.00 7.23
N TYR B 40 -3.90 -12.07 7.52
CA TYR B 40 -4.13 -11.00 8.46
C TYR B 40 -3.48 -9.74 7.93
N LEU B 41 -3.83 -8.60 8.52
CA LEU B 41 -3.32 -7.31 8.09
C LEU B 41 -2.01 -7.01 8.83
N GLU B 42 -0.94 -6.77 8.08
CA GLU B 42 0.36 -6.43 8.67
C GLU B 42 0.50 -4.95 8.98
N SER B 43 0.02 -4.08 8.09
CA SER B 43 0.13 -2.64 8.29
C SER B 43 -1.08 -1.97 7.66
N VAL B 44 -1.53 -0.89 8.29
CA VAL B 44 -2.69 -0.13 7.84
C VAL B 44 -2.30 1.35 7.78
N ASP B 45 -2.22 1.89 6.57
CA ASP B 45 -1.92 3.32 6.41
C ASP B 45 -2.88 4.16 7.24
N VAL B 46 -2.32 5.20 7.87
CA VAL B 46 -3.10 6.08 8.73
C VAL B 46 -3.85 7.09 7.86
N GLU B 47 -5.09 7.38 8.25
CA GLU B 47 -5.99 8.22 7.47
C GLU B 47 -6.30 7.62 6.11
N GLY B 48 -6.17 6.29 5.99
CA GLY B 48 -6.51 5.59 4.77
C GLY B 48 -7.92 5.00 4.81
N VAL B 49 -8.32 4.45 3.67
CA VAL B 49 -9.67 3.90 3.54
C VAL B 49 -9.95 2.88 4.63
N ALA B 50 -9.12 1.83 4.69
CA ALA B 50 -9.33 0.79 5.70
C ALA B 50 -9.24 1.39 7.10
N TRP B 51 -8.35 2.37 7.28
CA TRP B 51 -8.22 3.03 8.58
C TRP B 51 -9.54 3.65 9.01
N LYS B 52 -10.04 4.63 8.25
CA LYS B 52 -11.31 5.26 8.58
C LYS B 52 -12.45 4.25 8.65
N ALA B 53 -12.30 3.09 8.00
CA ALA B 53 -13.31 2.04 8.09
C ALA B 53 -13.17 1.18 9.34
N GLY B 54 -12.28 1.54 10.26
CA GLY B 54 -12.14 0.81 11.50
C GLY B 54 -11.40 -0.51 11.39
N LEU B 55 -10.54 -0.66 10.39
CA LEU B 55 -9.68 -1.83 10.29
C LEU B 55 -8.31 -1.52 10.85
N ARG B 56 -7.74 -2.49 11.57
CA ARG B 56 -6.50 -2.29 12.29
C ARG B 56 -5.61 -3.51 12.14
N THR B 57 -4.32 -3.29 12.35
CA THR B 57 -3.36 -4.37 12.31
C THR B 57 -3.74 -5.47 13.30
N GLY B 58 -3.62 -6.72 12.87
CA GLY B 58 -4.02 -7.87 13.64
C GLY B 58 -5.35 -8.47 13.22
N ASP B 59 -6.16 -7.75 12.46
CA ASP B 59 -7.42 -8.31 11.98
C ASP B 59 -7.16 -9.45 11.02
N PHE B 60 -7.76 -10.61 11.28
CA PHE B 60 -7.66 -11.77 10.40
C PHE B 60 -8.80 -11.78 9.39
N LEU B 61 -8.57 -12.47 8.27
CA LEU B 61 -9.50 -12.45 7.15
C LEU B 61 -10.33 -13.73 7.12
N ILE B 62 -11.63 -13.55 7.28
CA ILE B 62 -12.60 -14.64 7.20
C ILE B 62 -13.29 -14.68 5.84
N GLU B 63 -13.70 -13.52 5.33
CA GLU B 63 -14.46 -13.42 4.10
C GLU B 63 -13.97 -12.22 3.30
N VAL B 64 -14.03 -12.35 1.97
CA VAL B 64 -13.65 -11.28 1.05
C VAL B 64 -14.67 -11.27 -0.08
N ASN B 65 -15.50 -10.22 -0.13
CA ASN B 65 -16.51 -10.08 -1.19
C ASN B 65 -17.40 -11.31 -1.29
N GLY B 66 -17.70 -11.94 -0.14
CA GLY B 66 -18.63 -13.05 -0.10
C GLY B 66 -17.97 -14.42 -0.10
N VAL B 67 -16.69 -14.50 -0.45
CA VAL B 67 -15.97 -15.76 -0.54
C VAL B 67 -15.27 -16.04 0.79
N ASN B 68 -15.15 -17.32 1.12
CA ASN B 68 -14.45 -17.72 2.33
C ASN B 68 -12.95 -17.68 2.13
N VAL B 69 -12.24 -17.01 3.03
CA VAL B 69 -10.79 -16.89 2.91
C VAL B 69 -10.13 -17.35 4.19
N VAL B 70 -10.88 -18.07 5.04
CA VAL B 70 -10.34 -18.56 6.30
C VAL B 70 -9.17 -19.51 6.05
N LYS B 71 -9.19 -20.25 4.95
CA LYS B 71 -8.18 -21.27 4.62
C LYS B 71 -7.79 -21.24 3.15
N VAL B 72 -7.55 -20.07 2.56
CA VAL B 72 -7.31 -20.00 1.11
C VAL B 72 -5.82 -19.87 0.82
N GLY B 73 -5.34 -18.65 0.70
CA GLY B 73 -4.00 -18.42 0.24
C GLY B 73 -3.81 -16.96 -0.07
N HIS B 74 -2.60 -16.62 -0.49
CA HIS B 74 -2.30 -15.21 -0.70
C HIS B 74 -2.66 -14.73 -2.10
N LYS B 75 -2.20 -15.44 -3.14
CA LYS B 75 -2.43 -14.98 -4.50
C LYS B 75 -3.91 -14.94 -4.87
N GLN B 76 -4.71 -15.82 -4.27
CA GLN B 76 -6.14 -15.87 -4.59
C GLN B 76 -6.91 -14.78 -3.85
N VAL B 77 -6.52 -14.49 -2.61
CA VAL B 77 -7.19 -13.45 -1.85
C VAL B 77 -6.91 -12.08 -2.44
N VAL B 78 -5.66 -11.82 -2.84
CA VAL B 78 -5.35 -10.53 -3.48
C VAL B 78 -6.10 -10.38 -4.79
N GLY B 79 -6.34 -11.49 -5.49
CA GLY B 79 -7.10 -11.41 -6.73
C GLY B 79 -8.55 -11.03 -6.49
N LEU B 80 -9.14 -11.50 -5.38
CA LEU B 80 -10.51 -11.14 -5.05
C LEU B 80 -10.62 -9.64 -4.79
N ILE B 81 -9.66 -9.08 -4.06
CA ILE B 81 -9.70 -7.65 -3.75
C ILE B 81 -9.72 -6.83 -5.04
N ARG B 82 -8.90 -7.21 -6.01
CA ARG B 82 -8.87 -6.49 -7.28
C ARG B 82 -10.17 -6.69 -8.05
N GLN B 83 -10.75 -7.89 -8.00
CA GLN B 83 -11.99 -8.16 -8.71
C GLN B 83 -13.06 -7.16 -8.32
N GLY B 84 -13.08 -6.73 -7.05
CA GLY B 84 -14.03 -5.74 -6.59
C GLY B 84 -13.73 -4.33 -7.05
N GLY B 85 -12.51 -4.07 -7.50
CA GLY B 85 -12.11 -2.75 -7.97
C GLY B 85 -11.97 -1.72 -6.86
N ASN B 86 -12.85 -0.72 -6.87
CA ASN B 86 -12.82 0.36 -5.90
C ASN B 86 -13.75 0.10 -4.73
N ARG B 87 -14.31 -1.09 -4.65
CA ARG B 87 -15.22 -1.49 -3.59
C ARG B 87 -14.76 -2.83 -3.04
N LEU B 88 -14.82 -2.98 -1.72
CA LEU B 88 -14.38 -4.22 -1.09
C LEU B 88 -15.16 -4.43 0.20
N VAL B 89 -15.54 -5.69 0.43
CA VAL B 89 -16.29 -6.10 1.60
C VAL B 89 -15.58 -7.29 2.22
N MET B 90 -15.21 -7.17 3.49
CA MET B 90 -14.47 -8.21 4.19
C MET B 90 -15.12 -8.51 5.53
N LYS B 91 -14.99 -9.76 5.94
CA LYS B 91 -15.38 -10.20 7.27
C LYS B 91 -14.13 -10.62 8.00
N VAL B 92 -13.84 -9.94 9.10
CA VAL B 92 -12.59 -10.10 9.83
C VAL B 92 -12.87 -10.31 11.31
N VAL B 93 -11.91 -10.92 11.99
CA VAL B 93 -11.93 -11.02 13.43
C VAL B 93 -10.76 -10.22 13.97
N SER B 94 -10.99 -9.44 15.01
CA SER B 94 -9.95 -8.63 15.62
C SER B 94 -9.50 -9.39 16.87
N VAL B 95 -8.48 -10.22 16.70
CA VAL B 95 -7.94 -10.97 17.83
C VAL B 95 -7.36 -10.05 18.89
N THR B 96 -7.10 -8.79 18.53
CA THR B 96 -6.57 -7.80 19.45
C THR B 96 -7.38 -7.76 20.75
#